data_9KX7
#
_entry.id   9KX7
#
_cell.length_a   69.707
_cell.length_b   69.707
_cell.length_c   79.228
_cell.angle_alpha   90.00
_cell.angle_beta   90.00
_cell.angle_gamma   120.00
#
_symmetry.space_group_name_H-M   'P 31 2 1'
#
loop_
_entity.id
_entity.type
_entity.pdbx_description
1 polymer 'Peptidyl-prolyl cis-trans isomerase NIMA-interacting 1'
2 non-polymer imidazo[1,2-a]pyridin-6-ylmethanol
3 non-polymer 3,6,9,12,15,18,21-HEPTAOXATRICOSANE-1,23-DIOL
4 non-polymer 'SULFATE ION'
5 water water
#
_entity_poly.entity_id   1
_entity_poly.type   'polypeptide(L)'
_entity_poly.pdbx_seq_one_letter_code
;MADEEKLPPGWEKAMSRSSGRVYYFNHITNASQWERPSGNSSSGGKNGQGEPARVRCSHLLVKHSQSRRPSSWRQEKITR
TKEEALELINGYIQKIKSGEEDFESLASQFSDCSSAKARGDLGAFSRGQMQKPFEDASFALRTGEMSGPVFTDSGIHIIL
RTE
;
_entity_poly.pdbx_strand_id   A
#
loop_
_chem_comp.id
_chem_comp.type
_chem_comp.name
_chem_comp.formula
A1EHC non-polymer imidazo[1,2-a]pyridin-6-ylmethanol 'C8 H8 N2 O'
PE8 non-polymer 3,6,9,12,15,18,21-HEPTAOXATRICOSANE-1,23-DIOL 'C16 H34 O9'
SO4 non-polymer 'SULFATE ION' 'O4 S -2'
#
# COMPACT_ATOMS: atom_id res chain seq x y z
N LYS A 6 -1.74 19.48 -15.16
CA LYS A 6 -1.97 19.95 -13.80
C LYS A 6 -1.51 18.92 -12.77
N LEU A 7 -2.26 17.80 -12.66
CA LEU A 7 -1.99 16.86 -11.59
C LEU A 7 -1.04 15.76 -12.05
N PRO A 8 -0.20 15.25 -11.16
CA PRO A 8 0.78 14.21 -11.54
C PRO A 8 0.08 12.91 -11.89
N PRO A 9 0.82 11.94 -12.48
CA PRO A 9 0.18 10.72 -13.00
C PRO A 9 -0.76 10.02 -12.03
N GLY A 10 -2.01 9.79 -12.47
CA GLY A 10 -2.97 9.03 -11.71
C GLY A 10 -3.86 9.83 -10.79
N TRP A 11 -3.57 11.11 -10.58
CA TRP A 11 -4.30 11.93 -9.61
C TRP A 11 -5.53 12.57 -10.24
N GLU A 12 -6.63 12.61 -9.47
CA GLU A 12 -7.88 13.24 -9.88
C GLU A 12 -8.48 14.00 -8.70
N LYS A 13 -9.35 14.96 -9.01
CA LYS A 13 -10.08 15.70 -7.98
C LYS A 13 -11.43 15.04 -7.72
N ALA A 14 -11.86 15.03 -6.46
CA ALA A 14 -13.11 14.38 -6.07
C ALA A 14 -13.74 15.17 -4.93
N MET A 15 -14.92 14.72 -4.52
CA MET A 15 -15.79 15.50 -3.65
C MET A 15 -16.11 14.69 -2.41
N SER A 16 -15.74 15.20 -1.23
CA SER A 16 -16.07 14.49 0.01
C SER A 16 -17.57 14.37 0.22
N ARG A 17 -18.04 13.14 0.46
CA ARG A 17 -19.46 12.92 0.74
C ARG A 17 -19.89 13.45 2.09
N SER A 18 -19.01 13.47 3.07
CA SER A 18 -19.41 13.84 4.42
C SER A 18 -19.08 15.28 4.77
N SER A 19 -18.34 15.99 3.92
CA SER A 19 -17.99 17.38 4.22
C SER A 19 -18.21 18.36 3.08
N GLY A 20 -18.25 17.93 1.81
CA GLY A 20 -18.36 18.88 0.73
C GLY A 20 -17.06 19.46 0.21
N ARG A 21 -15.94 19.26 0.92
CA ARG A 21 -14.66 19.79 0.46
C ARG A 21 -14.02 18.91 -0.60
N VAL A 22 -13.30 19.56 -1.52
CA VAL A 22 -12.58 18.84 -2.55
C VAL A 22 -11.42 18.06 -1.93
N TYR A 23 -11.12 16.91 -2.51
CA TYR A 23 -9.93 16.16 -2.14
C TYR A 23 -9.36 15.54 -3.40
N TYR A 24 -8.23 14.86 -3.24
CA TYR A 24 -7.51 14.28 -4.37
C TYR A 24 -7.34 12.79 -4.16
N PHE A 25 -7.51 12.04 -5.25
CA PHE A 25 -7.45 10.59 -5.26
C PHE A 25 -6.58 10.14 -6.42
N ASN A 26 -5.80 9.07 -6.20
CA ASN A 26 -4.95 8.51 -7.25
C ASN A 26 -5.44 7.11 -7.59
N HIS A 27 -5.84 6.90 -8.85
CA HIS A 27 -6.42 5.61 -9.22
C HIS A 27 -5.37 4.54 -9.51
N ILE A 28 -4.08 4.88 -9.47
CA ILE A 28 -3.00 3.90 -9.59
C ILE A 28 -2.52 3.42 -8.24
N THR A 29 -2.42 4.32 -7.26
CA THR A 29 -1.93 3.96 -5.93
C THR A 29 -3.04 3.80 -4.91
N ASN A 30 -4.26 4.26 -5.24
CA ASN A 30 -5.39 4.36 -4.31
C ASN A 30 -5.12 5.28 -3.11
N ALA A 31 -4.14 6.18 -3.24
CA ALA A 31 -3.93 7.19 -2.22
C ALA A 31 -5.04 8.23 -2.27
N SER A 32 -5.32 8.86 -1.13
CA SER A 32 -6.27 9.95 -1.10
C SER A 32 -5.83 10.92 -0.01
N GLN A 33 -6.09 12.21 -0.24
CA GLN A 33 -5.58 13.25 0.65
C GLN A 33 -6.31 14.56 0.35
N TRP A 34 -6.34 15.43 1.35
CA TRP A 34 -6.94 16.75 1.16
C TRP A 34 -6.04 17.66 0.35
N GLU A 35 -4.72 17.50 0.49
CA GLU A 35 -3.76 18.42 -0.10
C GLU A 35 -3.54 18.14 -1.58
N ARG A 36 -3.42 19.21 -2.35
CA ARG A 36 -3.15 19.07 -3.78
C ARG A 36 -1.77 18.45 -3.98
N PRO A 37 -1.65 17.37 -4.77
CA PRO A 37 -0.36 16.69 -4.90
C PRO A 37 0.67 17.53 -5.65
N SER A 38 1.93 17.21 -5.37
CA SER A 38 3.06 17.94 -5.95
C SER A 38 3.50 17.28 -7.25
N GLY A 39 3.58 18.08 -8.31
CA GLY A 39 4.03 17.60 -9.60
C GLY A 39 3.24 18.15 -10.77
N GLU A 51 10.66 9.08 -15.44
CA GLU A 51 10.62 8.22 -14.26
C GLU A 51 11.95 7.48 -14.06
N PRO A 52 12.32 7.24 -12.80
CA PRO A 52 13.63 6.64 -12.52
C PRO A 52 13.65 5.16 -12.89
N ALA A 53 14.86 4.67 -13.17
CA ALA A 53 15.01 3.26 -13.53
C ALA A 53 14.57 2.33 -12.40
N ARG A 54 14.74 2.77 -11.15
CA ARG A 54 14.56 1.90 -10.00
C ARG A 54 13.93 2.69 -8.87
N VAL A 55 13.12 2.01 -8.06
CA VAL A 55 12.60 2.56 -6.82
C VAL A 55 12.85 1.55 -5.71
N ARG A 56 12.87 2.04 -4.48
CA ARG A 56 12.91 1.19 -3.30
C ARG A 56 11.63 1.38 -2.52
N CYS A 57 11.03 0.28 -2.08
CA CYS A 57 9.78 0.35 -1.34
C CYS A 57 9.77 -0.64 -0.19
N SER A 58 8.99 -0.29 0.82
CA SER A 58 8.55 -1.22 1.85
C SER A 58 7.08 -1.50 1.65
N HIS A 59 6.62 -2.63 2.19
CA HIS A 59 5.19 -2.88 2.11
C HIS A 59 4.72 -3.65 3.34
N LEU A 60 3.40 -3.59 3.54
CA LEU A 60 2.70 -4.38 4.54
C LEU A 60 1.65 -5.15 3.76
N LEU A 61 1.72 -6.48 3.84
CA LEU A 61 0.82 -7.36 3.10
C LEU A 61 -0.18 -8.00 4.06
N VAL A 62 -1.45 -7.96 3.71
CA VAL A 62 -2.46 -8.76 4.41
C VAL A 62 -3.00 -9.77 3.41
N LYS A 63 -2.79 -11.04 3.69
CA LYS A 63 -3.26 -12.09 2.80
C LYS A 63 -4.71 -12.41 3.10
N HIS A 64 -5.35 -13.16 2.20
CA HIS A 64 -6.71 -13.60 2.39
C HIS A 64 -6.85 -15.00 1.80
N SER A 65 -8.05 -15.57 1.94
CA SER A 65 -8.22 -16.98 1.59
C SER A 65 -8.06 -17.23 0.09
N GLN A 66 -8.12 -16.19 -0.74
CA GLN A 66 -7.91 -16.38 -2.18
C GLN A 66 -6.52 -15.95 -2.63
N SER A 67 -5.62 -15.66 -1.68
CA SER A 67 -4.24 -15.36 -2.01
C SER A 67 -3.63 -16.54 -2.76
N ARG A 68 -2.63 -16.23 -3.60
CA ARG A 68 -2.00 -17.29 -4.39
C ARG A 68 -1.42 -18.39 -3.49
N ARG A 69 -0.76 -18.01 -2.40
CA ARG A 69 -0.46 -18.96 -1.32
C ARG A 69 -1.06 -18.46 -0.01
N PRO A 70 -2.19 -19.05 0.43
CA PRO A 70 -2.87 -18.58 1.64
C PRO A 70 -2.24 -19.13 2.92
N SER A 71 -0.99 -18.74 3.14
CA SER A 71 -0.20 -19.14 4.29
C SER A 71 0.92 -18.13 4.44
N SER A 72 1.42 -18.00 5.66
CA SER A 72 2.47 -17.01 5.91
C SER A 72 3.19 -17.39 7.21
N TRP A 73 4.23 -16.64 7.53
CA TRP A 73 4.92 -16.86 8.80
C TRP A 73 4.02 -16.60 10.00
N ARG A 74 2.95 -15.82 9.83
CA ARG A 74 2.03 -15.55 10.92
C ARG A 74 1.01 -16.66 11.13
N GLN A 75 0.58 -17.33 10.06
CA GLN A 75 -0.52 -18.28 10.12
C GLN A 75 -0.28 -19.39 9.11
N GLU A 76 -0.38 -20.64 9.56
CA GLU A 76 -0.21 -21.75 8.62
C GLU A 76 -1.33 -21.75 7.58
N LYS A 77 -2.56 -21.49 8.01
CA LYS A 77 -3.71 -21.47 7.10
C LYS A 77 -4.37 -20.09 7.25
N ILE A 78 -4.26 -19.26 6.20
CA ILE A 78 -4.93 -17.97 6.19
C ILE A 78 -6.36 -18.16 5.70
N THR A 79 -7.32 -17.81 6.55
CA THR A 79 -8.72 -18.07 6.30
C THR A 79 -9.57 -16.82 6.17
N ARG A 80 -9.02 -15.64 6.50
CA ARG A 80 -9.81 -14.42 6.42
C ARG A 80 -10.23 -14.15 4.98
N THR A 81 -11.41 -13.55 4.82
CA THR A 81 -11.88 -13.17 3.50
C THR A 81 -11.15 -11.94 2.99
N LYS A 82 -11.29 -11.69 1.69
CA LYS A 82 -10.69 -10.48 1.14
C LYS A 82 -11.30 -9.24 1.77
N GLU A 83 -12.60 -9.27 2.05
CA GLU A 83 -13.24 -8.13 2.70
C GLU A 83 -12.68 -7.90 4.10
N GLU A 84 -12.48 -8.98 4.86
CA GLU A 84 -11.83 -8.84 6.17
C GLU A 84 -10.41 -8.30 6.04
N ALA A 85 -9.66 -8.78 5.05
CA ALA A 85 -8.31 -8.27 4.85
C ALA A 85 -8.31 -6.79 4.51
N LEU A 86 -9.29 -6.34 3.73
CA LEU A 86 -9.36 -4.93 3.39
C LEU A 86 -9.68 -4.08 4.62
N GLU A 87 -10.53 -4.59 5.51
CA GLU A 87 -10.81 -3.86 6.74
C GLU A 87 -9.54 -3.71 7.58
N LEU A 88 -8.74 -4.76 7.67
CA LEU A 88 -7.48 -4.69 8.41
C LEU A 88 -6.55 -3.66 7.80
N ILE A 89 -6.39 -3.69 6.48
CA ILE A 89 -5.55 -2.72 5.78
C ILE A 89 -6.03 -1.30 6.06
N ASN A 90 -7.34 -1.06 5.94
CA ASN A 90 -7.88 0.27 6.18
C ASN A 90 -7.57 0.73 7.60
N GLY A 91 -7.64 -0.17 8.57
CA GLY A 91 -7.34 0.20 9.94
C GLY A 91 -5.87 0.54 10.13
N TYR A 92 -4.97 -0.23 9.51
CA TYR A 92 -3.54 0.11 9.59
C TYR A 92 -3.27 1.47 8.96
N ILE A 93 -3.90 1.76 7.82
CA ILE A 93 -3.68 3.06 7.18
C ILE A 93 -4.13 4.18 8.11
N GLN A 94 -5.28 4.01 8.77
CA GLN A 94 -5.76 5.02 9.71
C GLN A 94 -4.73 5.29 10.81
N LYS A 95 -4.16 4.23 11.39
CA LYS A 95 -3.22 4.39 12.49
C LYS A 95 -1.91 5.03 12.01
N ILE A 96 -1.45 4.67 10.81
CA ILE A 96 -0.26 5.30 10.25
C ILE A 96 -0.51 6.79 10.02
N LYS A 97 -1.67 7.13 9.46
CA LYS A 97 -1.94 8.52 9.14
C LYS A 97 -2.15 9.37 10.39
N SER A 98 -2.69 8.78 11.46
CA SER A 98 -2.88 9.55 12.68
C SER A 98 -1.60 9.69 13.49
N GLY A 99 -0.58 8.92 13.15
CA GLY A 99 0.64 8.88 13.95
C GLY A 99 0.55 7.99 15.16
N GLU A 100 -0.58 7.30 15.36
CA GLU A 100 -0.70 6.39 16.49
C GLU A 100 0.28 5.23 16.39
N GLU A 101 0.55 4.76 15.17
CA GLU A 101 1.54 3.73 14.94
C GLU A 101 2.38 4.12 13.73
N ASP A 102 3.58 3.57 13.67
CA ASP A 102 4.47 3.76 12.53
C ASP A 102 4.28 2.62 11.53
N PHE A 103 4.46 2.94 10.24
CA PHE A 103 4.42 1.92 9.20
C PHE A 103 5.34 0.75 9.51
N GLU A 104 6.58 1.04 9.92
CA GLU A 104 7.56 -0.01 10.15
C GLU A 104 7.14 -0.93 11.28
N SER A 105 6.55 -0.37 12.34
CA SER A 105 6.11 -1.20 13.46
C SER A 105 4.95 -2.10 13.07
N LEU A 106 4.00 -1.58 12.30
CA LEU A 106 2.88 -2.41 11.86
C LEU A 106 3.34 -3.48 10.86
N ALA A 107 4.25 -3.14 9.95
CA ALA A 107 4.74 -4.15 9.02
C ALA A 107 5.44 -5.28 9.77
N SER A 108 6.30 -4.94 10.74
CA SER A 108 7.03 -5.96 11.48
C SER A 108 6.08 -6.90 12.22
N GLN A 109 5.00 -6.35 12.78
CA GLN A 109 4.09 -7.15 13.59
C GLN A 109 3.05 -7.89 12.77
N PHE A 110 2.59 -7.32 11.66
CA PHE A 110 1.37 -7.80 11.04
C PHE A 110 1.46 -8.12 9.55
N SER A 111 2.57 -7.82 8.87
CA SER A 111 2.64 -8.16 7.45
C SER A 111 2.78 -9.67 7.28
N ASP A 112 1.98 -10.21 6.36
CA ASP A 112 2.03 -11.62 6.00
C ASP A 112 3.17 -11.95 5.06
N CYS A 113 3.98 -10.96 4.66
CA CYS A 113 5.16 -11.20 3.85
C CYS A 113 6.37 -11.45 4.74
N SER A 114 7.27 -12.33 4.27
CA SER A 114 8.48 -12.60 5.04
C SER A 114 9.34 -11.35 5.22
N SER A 115 9.13 -10.32 4.40
CA SER A 115 9.85 -9.08 4.57
C SER A 115 9.44 -8.34 5.83
N ALA A 116 8.44 -8.84 6.56
CA ALA A 116 8.09 -8.28 7.86
C ALA A 116 9.32 -8.18 8.75
N LYS A 117 10.21 -9.16 8.65
CA LYS A 117 11.40 -9.22 9.49
C LYS A 117 12.35 -8.07 9.21
N ALA A 118 12.21 -7.42 8.06
CA ALA A 118 13.00 -6.25 7.70
C ALA A 118 12.16 -4.98 7.68
N ARG A 119 11.18 -4.88 8.59
CA ARG A 119 10.27 -3.73 8.67
C ARG A 119 9.57 -3.48 7.33
N GLY A 120 9.41 -4.54 6.52
CA GLY A 120 8.70 -4.44 5.25
C GLY A 120 9.55 -4.09 4.06
N ASP A 121 10.84 -3.83 4.24
CA ASP A 121 11.69 -3.39 3.14
C ASP A 121 11.87 -4.50 2.11
N LEU A 122 11.58 -4.16 0.84
CA LEU A 122 11.79 -5.04 -0.29
C LEU A 122 13.06 -4.77 -1.06
N GLY A 123 13.80 -3.70 -0.71
CA GLY A 123 14.93 -3.29 -1.52
C GLY A 123 14.49 -2.56 -2.78
N ALA A 124 15.46 -2.39 -3.67
CA ALA A 124 15.28 -1.64 -4.90
C ALA A 124 14.95 -2.56 -6.07
N PHE A 125 14.08 -2.08 -6.96
CA PHE A 125 13.67 -2.90 -8.08
C PHE A 125 13.31 -2.02 -9.26
N SER A 126 13.30 -2.64 -10.43
CA SER A 126 12.95 -1.99 -11.68
C SER A 126 11.60 -2.51 -12.17
N ARG A 127 11.10 -1.88 -13.24
CA ARG A 127 9.92 -2.38 -13.90
C ARG A 127 10.20 -3.75 -14.49
N GLY A 128 9.20 -4.64 -14.41
CA GLY A 128 9.36 -6.00 -14.90
C GLY A 128 9.66 -7.04 -13.84
N GLN A 129 9.82 -6.65 -12.57
CA GLN A 129 10.13 -7.62 -11.52
C GLN A 129 8.94 -7.93 -10.62
N MET A 130 8.12 -6.96 -10.25
CA MET A 130 7.03 -7.19 -9.31
C MET A 130 5.73 -7.44 -10.05
N GLN A 131 4.72 -7.85 -9.28
CA GLN A 131 3.39 -8.00 -9.85
C GLN A 131 2.91 -6.63 -10.33
N LYS A 132 2.23 -6.60 -11.48
CA LYS A 132 2.01 -5.32 -12.15
C LYS A 132 1.28 -4.29 -11.30
N PRO A 133 0.21 -4.59 -10.55
CA PRO A 133 -0.43 -3.52 -9.78
C PRO A 133 0.50 -2.94 -8.74
N PHE A 134 1.35 -3.79 -8.16
CA PHE A 134 2.35 -3.33 -7.20
C PHE A 134 3.40 -2.47 -7.88
N GLU A 135 3.91 -2.91 -9.01
CA GLU A 135 4.89 -2.11 -9.76
C GLU A 135 4.32 -0.75 -10.13
N ASP A 136 3.11 -0.73 -10.70
CA ASP A 136 2.53 0.54 -11.14
C ASP A 136 2.35 1.49 -9.97
N ALA A 137 1.86 1.00 -8.84
CA ALA A 137 1.67 1.87 -7.68
C ALA A 137 3.02 2.40 -7.17
N SER A 138 4.03 1.51 -7.06
CA SER A 138 5.35 1.91 -6.58
C SER A 138 5.94 3.03 -7.43
N PHE A 139 5.84 2.91 -8.75
CA PHE A 139 6.45 3.91 -9.61
C PHE A 139 5.61 5.18 -9.72
N ALA A 140 4.33 5.14 -9.33
CA ALA A 140 3.52 6.35 -9.30
C ALA A 140 3.64 7.12 -7.99
N LEU A 141 4.22 6.50 -6.97
CA LEU A 141 4.47 7.16 -5.71
C LEU A 141 5.70 8.06 -5.86
N ARG A 142 5.69 9.19 -5.17
CA ARG A 142 6.89 10.00 -5.04
C ARG A 142 7.63 9.52 -3.81
N THR A 143 8.92 9.84 -3.73
CA THR A 143 9.71 9.41 -2.58
C THR A 143 9.09 9.95 -1.30
N GLY A 144 8.82 9.06 -0.35
CA GLY A 144 8.19 9.42 0.90
C GLY A 144 6.69 9.19 0.95
N GLU A 145 6.05 9.00 -0.21
CA GLU A 145 4.61 8.84 -0.28
C GLU A 145 4.21 7.39 0.01
N MET A 146 2.96 7.24 0.45
CA MET A 146 2.35 5.96 0.78
C MET A 146 1.11 5.71 -0.07
N SER A 147 0.91 4.45 -0.45
CA SER A 147 -0.26 4.09 -1.22
C SER A 147 -1.49 3.89 -0.32
N GLY A 148 -2.65 3.76 -0.96
CA GLY A 148 -3.79 3.15 -0.33
C GLY A 148 -3.73 1.65 -0.51
N PRO A 149 -4.85 0.95 -0.32
CA PRO A 149 -4.86 -0.49 -0.57
C PRO A 149 -4.56 -0.80 -2.04
N VAL A 150 -3.57 -1.66 -2.27
CA VAL A 150 -3.20 -2.10 -3.61
C VAL A 150 -3.38 -3.62 -3.69
N PHE A 151 -4.14 -4.08 -4.68
CA PHE A 151 -4.54 -5.47 -4.76
C PHE A 151 -3.67 -6.23 -5.76
N THR A 152 -3.17 -7.40 -5.36
CA THR A 152 -2.44 -8.31 -6.22
C THR A 152 -2.88 -9.74 -5.97
N ASP A 153 -2.30 -10.67 -6.72
CA ASP A 153 -2.56 -12.08 -6.43
C ASP A 153 -2.03 -12.52 -5.07
N SER A 154 -1.12 -11.75 -4.46
CA SER A 154 -0.67 -12.10 -3.11
C SER A 154 -1.66 -11.70 -2.04
N GLY A 155 -2.45 -10.66 -2.27
CA GLY A 155 -3.31 -10.12 -1.25
C GLY A 155 -3.47 -8.61 -1.43
N ILE A 156 -3.53 -7.91 -0.30
CA ILE A 156 -3.71 -6.46 -0.28
C ILE A 156 -2.48 -5.85 0.40
N HIS A 157 -1.95 -4.79 -0.21
CA HIS A 157 -0.68 -4.16 0.20
C HIS A 157 -0.90 -2.71 0.59
N ILE A 158 -0.13 -2.25 1.57
CA ILE A 158 0.19 -0.84 1.77
C ILE A 158 1.64 -0.68 1.34
N ILE A 159 1.90 0.27 0.46
CA ILE A 159 3.24 0.46 -0.11
C ILE A 159 3.79 1.81 0.33
N LEU A 160 5.05 1.83 0.79
CA LEU A 160 5.76 3.05 1.16
C LEU A 160 6.98 3.17 0.27
N ARG A 161 7.06 4.23 -0.53
CA ARG A 161 8.24 4.42 -1.38
C ARG A 161 9.31 5.13 -0.57
N THR A 162 10.46 4.49 -0.41
CA THR A 162 11.52 5.05 0.43
C THR A 162 12.67 5.64 -0.38
N GLU A 163 12.87 5.23 -1.62
CA GLU A 163 13.88 5.81 -2.50
C GLU A 163 13.38 5.81 -3.94
N1 A1EHC B . -1.13 13.64 4.35
C4 A1EHC B . -0.38 13.79 1.97
C5 A1EHC B . -0.58 14.23 3.30
C6 A1EHC B . -1.05 14.56 5.37
C7 A1EHC B . -0.47 15.71 4.95
C8 A1EHC B . 0.43 16.34 2.69
C1 A1EHC B . 1.27 16.79 0.38
C2 A1EHC B . 0.63 15.90 1.40
C3 A1EHC B . 0.21 14.62 1.05
N2 A1EHC B . -0.16 15.52 3.62
O1 A1EHC B . 1.59 16.07 -0.81
N1 A1EHC C . 14.95 -13.22 1.74
C4 A1EHC C . 13.57 -14.14 -0.13
C5 A1EHC C . 14.39 -13.21 0.52
C6 A1EHC C . 15.66 -12.04 1.81
C7 A1EHC C . 15.56 -11.32 0.67
C8 A1EHC C . 14.31 -11.81 -1.45
C1 A1EHC C . 13.01 -12.45 -3.48
C2 A1EHC C . 13.49 -12.72 -2.08
C3 A1EHC C . 13.13 -13.88 -1.41
N2 A1EHC C . 14.75 -12.05 -0.17
O1 A1EHC C . 14.05 -12.60 -4.44
O1 PE8 D . -3.73 7.67 1.25
C2 PE8 D . -4.00 6.30 1.44
C3 PE8 D . -5.44 6.01 1.70
O4 PE8 D . -5.85 6.63 2.91
C5 PE8 D . -7.23 6.39 3.18
C6 PE8 D . -7.58 6.96 4.51
O7 PE8 D . -7.31 8.35 4.53
C8 PE8 D . -7.87 9.00 5.67
C9 PE8 D . -7.54 10.46 5.63
O10 PE8 D . -8.01 11.02 4.42
C11 PE8 D . -7.77 12.42 4.34
C12 PE8 D . -8.37 12.95 3.08
O13 PE8 D . -9.72 12.51 2.99
C14 PE8 D . -10.38 13.00 1.83
C15 PE8 D . -11.75 12.40 1.76
O16 PE8 D . -11.66 11.01 1.48
C17 PE8 D . -12.92 10.42 1.23
C18 PE8 D . -12.75 9.19 0.37
O19 PE8 D . -11.91 8.26 1.01
C20 PE8 D . -12.41 7.80 2.25
C21 PE8 D . -11.37 6.98 2.97
O22 PE8 D . -10.99 5.86 2.17
C23 PE8 D . -11.16 4.62 2.86
C24 PE8 D . -12.61 4.35 3.09
O25 PE8 D . -12.82 3.13 3.78
N1 A1EHC E . 14.00 -9.09 3.37
C4 A1EHC E . 12.99 -8.87 1.10
C5 A1EHC E . 13.22 -9.45 2.36
C6 A1EHC E . 13.81 -10.05 4.35
C7 A1EHC E . 12.93 -11.00 3.94
C8 A1EHC E . 11.68 -11.22 1.77
C1 A1EHC E . 10.52 -11.28 -0.45
C2 A1EHC E . 11.46 -10.64 0.54
C3 A1EHC E . 12.14 -9.47 0.22
N2 A1EHC E . 12.55 -10.63 2.67
O1 A1EHC E . 9.29 -11.64 0.16
S SO4 F . 10.48 12.05 -6.52
O1 SO4 F . 10.55 13.19 -7.43
O2 SO4 F . 9.61 11.03 -7.08
O3 SO4 F . 11.83 11.50 -6.34
O4 SO4 F . 9.96 12.49 -5.23
S SO4 G . 1.96 -15.29 -2.67
O1 SO4 G . 2.21 -14.07 -3.43
O2 SO4 G . 0.57 -15.32 -2.21
O3 SO4 G . 2.24 -16.42 -3.56
O4 SO4 G . 2.87 -15.33 -1.53
S SO4 H . -7.61 -11.88 11.52
O1 SO4 H . -8.08 -11.89 10.14
O2 SO4 H . -8.11 -10.68 12.19
O3 SO4 H . -8.09 -13.07 12.23
O4 SO4 H . -6.14 -11.88 11.56
#